data_1ZDJ
#
_entry.id   1ZDJ
#
_cell.length_a   288.000
_cell.length_b   288.000
_cell.length_c   653.000
_cell.angle_alpha   90.00
_cell.angle_beta   90.00
_cell.angle_gamma   120.00
#
_symmetry.space_group_name_H-M   'H 3 2'
#
loop_
_entity.id
_entity.type
_entity.pdbx_description
1 polymer "RNA (5'-R(*GP*GP*AP*UP*CP*AP*CP*C)-3')"
2 polymer 'PROTEIN (MS2 PROTEIN CAPSID)'
3 water water
#
loop_
_entity_poly.entity_id
_entity_poly.type
_entity_poly.pdbx_seq_one_letter_code
_entity_poly.pdbx_strand_id
1 'polyribonucleotide' GGAUCACC R,S
2 'polypeptide(L)'
;ASNFTQFVLVDNGGTGDVTVAPSNFANGVAEWISSNSRSQAYKVTCSVRQSSAQNRKYTIKVEVPKVATQTVGGVELPVA
AWRSYLNMELTIPIFATNSDCELIVKAMQGLLKDGNPIPSAIAANSGIY
;
A,B,C
#
loop_
_chem_comp.id
_chem_comp.type
_chem_comp.name
_chem_comp.formula
A RNA linking ADENOSINE-5'-MONOPHOSPHATE 'C10 H14 N5 O7 P'
C RNA linking CYTIDINE-5'-MONOPHOSPHATE 'C9 H14 N3 O8 P'
G RNA linking GUANOSINE-5'-MONOPHOSPHATE 'C10 H14 N5 O8 P'
U RNA linking URIDINE-5'-MONOPHOSPHATE 'C9 H13 N2 O9 P'
#
# COMPACT_ATOMS: atom_id res chain seq x y z
N ALA C 1 -5.81 -9.28 -9.63
CA ALA C 1 -5.45 -9.86 -8.30
C ALA C 1 -5.13 -8.79 -7.21
N SER C 2 -4.64 -9.30 -6.10
CA SER C 2 -4.23 -8.57 -4.91
C SER C 2 -4.15 -9.81 -4.09
N ASN C 3 -2.99 -10.11 -3.51
CA ASN C 3 -2.93 -11.31 -2.73
C ASN C 3 -3.19 -10.93 -1.28
N PHE C 4 -3.50 -9.66 -1.06
CA PHE C 4 -3.75 -9.21 0.28
C PHE C 4 -5.20 -9.51 0.61
N THR C 5 -5.49 -10.76 0.90
CA THR C 5 -6.84 -11.18 1.22
C THR C 5 -6.89 -11.92 2.52
N GLN C 6 -8.09 -12.19 3.02
CA GLN C 6 -8.23 -12.90 4.27
C GLN C 6 -8.11 -14.39 4.01
N PHE C 7 -7.80 -15.15 5.05
CA PHE C 7 -7.65 -16.59 4.90
C PHE C 7 -7.87 -17.22 6.25
N VAL C 8 -8.07 -18.53 6.27
CA VAL C 8 -8.29 -19.21 7.53
C VAL C 8 -6.94 -19.69 8.03
N LEU C 9 -6.52 -19.13 9.15
CA LEU C 9 -5.26 -19.48 9.75
C LEU C 9 -5.35 -20.85 10.43
N VAL C 10 -6.41 -21.08 11.19
CA VAL C 10 -6.59 -22.35 11.87
C VAL C 10 -7.86 -22.95 11.35
N ASP C 11 -7.73 -24.01 10.57
CA ASP C 11 -8.89 -24.68 10.04
C ASP C 11 -9.36 -25.69 11.07
N ASN C 12 -10.38 -25.31 11.84
CA ASN C 12 -10.93 -26.19 12.87
C ASN C 12 -12.09 -26.98 12.33
N GLY C 13 -12.02 -27.25 11.02
CA GLY C 13 -13.04 -28.00 10.34
C GLY C 13 -14.38 -27.29 10.34
N GLY C 14 -14.48 -26.25 9.50
CA GLY C 14 -15.73 -25.51 9.38
C GLY C 14 -16.28 -24.78 10.62
N THR C 15 -16.08 -25.32 11.83
CA THR C 15 -16.64 -24.65 13.00
C THR C 15 -15.62 -24.24 14.04
N GLY C 16 -15.45 -22.92 14.13
CA GLY C 16 -14.47 -22.42 15.06
C GLY C 16 -13.15 -22.30 14.31
N ASP C 17 -13.26 -22.06 13.00
CA ASP C 17 -12.09 -21.86 12.20
C ASP C 17 -11.60 -20.48 12.60
N VAL C 18 -10.29 -20.24 12.56
CA VAL C 18 -9.77 -18.93 12.87
C VAL C 18 -9.38 -18.30 11.55
N THR C 19 -10.20 -17.38 11.07
CA THR C 19 -9.87 -16.68 9.84
C THR C 19 -9.25 -15.34 10.27
N VAL C 20 -8.23 -14.94 9.53
CA VAL C 20 -7.45 -13.76 9.78
C VAL C 20 -7.68 -12.86 8.55
N ALA C 21 -7.89 -11.57 8.74
CA ALA C 21 -8.16 -10.66 7.64
C ALA C 21 -7.22 -9.48 7.60
N PRO C 22 -7.02 -8.89 6.40
CA PRO C 22 -6.13 -7.74 6.23
C PRO C 22 -6.45 -6.59 7.17
N SER C 23 -5.44 -5.99 7.78
CA SER C 23 -5.70 -4.88 8.66
C SER C 23 -4.75 -3.68 8.63
N ASN C 24 -3.64 -3.76 7.92
CA ASN C 24 -2.72 -2.65 7.90
C ASN C 24 -1.60 -2.96 6.94
N PHE C 25 -1.05 -1.95 6.29
CA PHE C 25 0.05 -2.15 5.35
C PHE C 25 0.97 -0.97 5.54
N ALA C 26 0.91 -0.35 6.72
CA ALA C 26 1.74 0.80 7.02
C ALA C 26 3.19 0.36 7.10
N ASN C 27 4.06 1.18 6.54
CA ASN C 27 5.48 0.90 6.55
C ASN C 27 5.87 -0.36 5.79
N GLY C 28 5.03 -0.78 4.86
CA GLY C 28 5.35 -1.96 4.09
C GLY C 28 5.36 -3.27 4.82
N VAL C 29 4.70 -3.34 5.98
CA VAL C 29 4.59 -4.58 6.71
C VAL C 29 3.11 -4.94 6.58
N ALA C 30 2.80 -5.97 5.80
CA ALA C 30 1.41 -6.39 5.63
C ALA C 30 0.95 -7.10 6.90
N GLU C 31 -0.21 -6.70 7.42
CA GLU C 31 -0.75 -7.27 8.65
C GLU C 31 -2.13 -7.85 8.49
N TRP C 32 -2.43 -8.87 9.27
CA TRP C 32 -3.71 -9.55 9.26
C TRP C 32 -4.00 -9.86 10.73
N ILE C 33 -5.17 -9.54 11.25
CA ILE C 33 -5.46 -9.92 12.63
C ILE C 33 -6.80 -10.61 12.66
N SER C 34 -7.02 -11.46 13.66
CA SER C 34 -8.30 -12.13 13.76
C SER C 34 -9.27 -11.10 14.27
N SER C 35 -10.54 -11.43 14.09
CA SER C 35 -11.65 -10.57 14.49
C SER C 35 -11.86 -10.59 16.01
N ASN C 36 -10.96 -9.99 16.76
CA ASN C 36 -11.04 -9.95 18.21
C ASN C 36 -10.61 -8.60 18.65
N SER C 37 -10.57 -8.44 19.97
CA SER C 37 -10.09 -7.21 20.55
C SER C 37 -8.61 -7.35 20.23
N ARG C 38 -7.93 -6.24 20.05
CA ARG C 38 -6.53 -6.28 19.71
C ARG C 38 -5.66 -6.96 20.79
N SER C 39 -6.20 -7.13 22.00
CA SER C 39 -5.47 -7.77 23.08
C SER C 39 -5.55 -9.31 22.98
N GLN C 40 -6.56 -9.82 22.30
CA GLN C 40 -6.77 -11.24 22.13
C GLN C 40 -6.68 -11.72 20.71
N ALA C 41 -6.31 -10.85 19.79
CA ALA C 41 -6.26 -11.23 18.39
C ALA C 41 -5.04 -12.03 17.99
N TYR C 42 -5.25 -12.83 16.96
CA TYR C 42 -4.22 -13.63 16.31
C TYR C 42 -3.65 -12.59 15.36
N LYS C 43 -2.38 -12.67 15.07
CA LYS C 43 -1.79 -11.68 14.20
C LYS C 43 -0.77 -12.34 13.27
N VAL C 44 -0.74 -11.89 12.03
CA VAL C 44 0.19 -12.42 11.06
C VAL C 44 0.75 -11.20 10.37
N THR C 45 2.07 -11.11 10.23
CA THR C 45 2.69 -9.99 9.52
C THR C 45 3.67 -10.54 8.45
N CYS C 46 3.85 -9.85 7.32
CA CYS C 46 4.76 -10.29 6.28
C CYS C 46 5.40 -9.11 5.56
N SER C 47 6.70 -9.19 5.34
CA SER C 47 7.39 -8.12 4.65
C SER C 47 8.54 -8.73 3.88
N VAL C 48 8.81 -8.16 2.70
CA VAL C 48 9.88 -8.64 1.81
C VAL C 48 10.83 -7.50 1.59
N ARG C 49 12.13 -7.76 1.57
CA ARG C 49 13.06 -6.69 1.28
C ARG C 49 14.22 -7.26 0.50
N GLN C 50 14.90 -6.44 -0.28
CA GLN C 50 16.05 -6.89 -1.03
C GLN C 50 17.16 -6.84 -0.02
N SER C 51 17.27 -7.91 0.77
CA SER C 51 18.25 -8.00 1.86
C SER C 51 19.69 -7.82 1.39
N SER C 52 19.92 -7.81 0.09
CA SER C 52 21.27 -7.67 -0.39
C SER C 52 21.13 -7.42 -1.87
N ALA C 53 22.28 -7.20 -2.51
CA ALA C 53 22.27 -6.99 -3.94
C ALA C 53 21.69 -8.24 -4.65
N GLN C 54 21.97 -9.42 -4.09
CA GLN C 54 21.50 -10.65 -4.70
C GLN C 54 20.49 -11.52 -3.96
N ASN C 55 19.89 -11.00 -2.88
CA ASN C 55 18.90 -11.76 -2.14
C ASN C 55 17.71 -10.92 -1.87
N ARG C 56 16.64 -11.62 -1.55
CA ARG C 56 15.39 -11.03 -1.16
C ARG C 56 15.08 -11.83 0.07
N LYS C 57 14.52 -11.18 1.07
CA LYS C 57 14.23 -11.83 2.31
C LYS C 57 12.84 -11.54 2.79
N TYR C 58 12.07 -12.59 3.04
CA TYR C 58 10.70 -12.47 3.56
C TYR C 58 10.76 -12.69 5.06
N THR C 59 10.03 -11.88 5.82
CA THR C 59 9.98 -12.01 7.26
C THR C 59 8.51 -12.15 7.60
N ILE C 60 8.17 -13.31 8.13
CA ILE C 60 6.82 -13.66 8.49
C ILE C 60 6.73 -13.96 9.97
N LYS C 61 5.79 -13.34 10.67
CA LYS C 61 5.59 -13.55 12.11
C LYS C 61 4.13 -13.90 12.35
N VAL C 62 3.87 -14.85 13.24
CA VAL C 62 2.52 -15.26 13.59
C VAL C 62 2.48 -15.29 15.13
N GLU C 63 1.41 -14.76 15.72
CA GLU C 63 1.24 -14.75 17.18
C GLU C 63 -0.06 -15.48 17.44
N VAL C 64 0.02 -16.55 18.22
CA VAL C 64 -1.14 -17.37 18.57
C VAL C 64 -1.41 -17.10 20.05
N PRO C 65 -2.53 -16.44 20.39
CA PRO C 65 -2.85 -16.15 21.78
C PRO C 65 -3.64 -17.21 22.53
N LYS C 66 -3.45 -17.26 23.84
CA LYS C 66 -4.19 -18.16 24.70
C LYS C 66 -5.05 -17.17 25.44
N VAL C 67 -6.30 -17.03 25.03
CA VAL C 67 -7.17 -16.03 25.65
C VAL C 67 -7.69 -16.30 27.08
N ALA C 68 -7.85 -15.22 27.82
CA ALA C 68 -8.32 -15.30 29.18
C ALA C 68 -9.09 -14.01 29.45
N THR C 69 -9.64 -13.92 30.64
CA THR C 69 -10.37 -12.77 31.11
C THR C 69 -9.77 -12.46 32.47
N GLN C 70 -8.96 -11.43 32.50
CA GLN C 70 -8.31 -11.10 33.73
C GLN C 70 -9.06 -10.01 34.44
N THR C 71 -9.14 -10.13 35.76
CA THR C 71 -9.79 -9.15 36.61
C THR C 71 -8.78 -8.13 37.13
N VAL C 72 -8.75 -6.96 36.53
CA VAL C 72 -7.82 -5.93 36.97
C VAL C 72 -8.64 -4.89 37.72
N GLY C 73 -8.19 -4.54 38.92
CA GLY C 73 -8.91 -3.55 39.71
C GLY C 73 -10.41 -3.82 39.90
N GLY C 74 -10.78 -5.10 39.99
CA GLY C 74 -12.17 -5.43 40.23
C GLY C 74 -13.00 -5.38 38.97
N VAL C 75 -12.34 -5.24 37.82
CA VAL C 75 -13.05 -5.20 36.54
C VAL C 75 -12.49 -6.28 35.60
N GLU C 76 -13.38 -6.93 34.85
CA GLU C 76 -12.96 -7.96 33.91
C GLU C 76 -12.59 -7.39 32.54
N LEU C 77 -11.38 -7.72 32.06
CA LEU C 77 -10.86 -7.29 30.77
C LEU C 77 -10.49 -8.49 29.89
N PRO C 78 -10.75 -8.44 28.57
CA PRO C 78 -10.43 -9.52 27.64
C PRO C 78 -8.91 -9.45 27.54
N VAL C 79 -8.27 -10.58 27.74
CA VAL C 79 -6.83 -10.60 27.79
C VAL C 79 -6.29 -11.88 27.16
N ALA C 80 -4.98 -11.94 26.94
CA ALA C 80 -4.37 -13.16 26.43
C ALA C 80 -3.46 -13.63 27.58
N ALA C 81 -3.70 -14.84 28.09
CA ALA C 81 -2.92 -15.39 29.18
C ALA C 81 -1.45 -15.53 28.80
N TRP C 82 -1.17 -15.80 27.51
CA TRP C 82 0.18 -15.92 26.95
C TRP C 82 0.13 -15.93 25.43
N ARG C 83 1.29 -15.80 24.80
CA ARG C 83 1.35 -15.82 23.37
C ARG C 83 2.47 -16.69 22.88
N SER C 84 2.19 -17.42 21.82
CA SER C 84 3.16 -18.26 21.17
C SER C 84 3.57 -17.47 19.92
N TYR C 85 4.87 -17.29 19.71
CA TYR C 85 5.38 -16.53 18.58
C TYR C 85 6.14 -17.36 17.55
N LEU C 86 5.80 -17.24 16.27
CA LEU C 86 6.51 -17.94 15.20
C LEU C 86 7.20 -16.87 14.40
N ASN C 87 8.49 -17.03 14.19
CA ASN C 87 9.25 -16.07 13.42
C ASN C 87 10.00 -16.77 12.31
N MET C 88 9.69 -16.48 11.06
CA MET C 88 10.40 -17.11 10.00
C MET C 88 11.01 -16.16 9.01
N GLU C 89 12.21 -16.45 8.56
CA GLU C 89 12.90 -15.64 7.58
C GLU C 89 13.34 -16.50 6.46
N LEU C 90 12.93 -16.16 5.27
CA LEU C 90 13.27 -16.93 4.10
C LEU C 90 14.10 -16.07 3.18
N THR C 91 15.34 -16.47 2.90
CA THR C 91 16.21 -15.74 1.99
C THR C 91 16.29 -16.48 0.67
N ILE C 92 15.86 -15.83 -0.40
CA ILE C 92 15.83 -16.42 -1.74
C ILE C 92 16.74 -15.61 -2.67
N PRO C 93 17.62 -16.28 -3.44
CA PRO C 93 18.48 -15.54 -4.36
C PRO C 93 17.65 -14.88 -5.48
N ILE C 94 18.16 -13.84 -6.12
CA ILE C 94 17.39 -13.18 -7.17
C ILE C 94 17.34 -14.03 -8.43
N PHE C 95 18.17 -15.07 -8.48
CA PHE C 95 18.28 -15.95 -9.63
C PHE C 95 17.24 -17.06 -9.67
N ALA C 96 16.37 -17.07 -8.67
CA ALA C 96 15.35 -18.08 -8.56
C ALA C 96 14.15 -17.79 -9.44
N THR C 97 13.84 -18.78 -10.26
CA THR C 97 12.75 -18.82 -11.18
C THR C 97 11.44 -18.95 -10.43
N ASN C 98 10.30 -18.78 -11.07
CA ASN C 98 9.05 -18.96 -10.37
C ASN C 98 8.93 -20.42 -9.93
N SER C 99 9.40 -21.33 -10.78
CA SER C 99 9.37 -22.75 -10.43
C SER C 99 10.29 -23.06 -9.26
N ASP C 100 11.43 -22.37 -9.15
CA ASP C 100 12.38 -22.57 -8.06
C ASP C 100 11.65 -22.14 -6.81
N CYS C 101 10.87 -21.10 -6.93
CA CYS C 101 10.13 -20.60 -5.80
C CYS C 101 9.03 -21.52 -5.37
N GLU C 102 8.36 -22.11 -6.32
CA GLU C 102 7.29 -23.02 -5.98
C GLU C 102 7.81 -24.21 -5.23
N LEU C 103 9.06 -24.54 -5.48
CA LEU C 103 9.74 -25.67 -4.85
C LEU C 103 9.98 -25.38 -3.38
N ILE C 104 10.25 -24.13 -3.07
CA ILE C 104 10.49 -23.71 -1.70
C ILE C 104 9.18 -23.81 -0.96
N VAL C 105 8.10 -23.35 -1.58
CA VAL C 105 6.80 -23.40 -0.94
C VAL C 105 6.41 -24.83 -0.61
N LYS C 106 6.56 -25.74 -1.57
CA LYS C 106 6.24 -27.13 -1.33
C LYS C 106 7.09 -27.75 -0.22
N ALA C 107 8.37 -27.41 -0.17
CA ALA C 107 9.24 -27.92 0.86
C ALA C 107 8.68 -27.49 2.23
N MET C 108 8.24 -26.24 2.33
CA MET C 108 7.70 -25.74 3.59
C MET C 108 6.38 -26.38 3.97
N GLN C 109 5.61 -26.77 2.96
CA GLN C 109 4.34 -27.40 3.21
C GLN C 109 4.54 -28.82 3.65
N GLY C 110 5.48 -29.52 3.04
CA GLY C 110 5.75 -30.91 3.39
C GLY C 110 6.33 -31.03 4.78
N LEU C 111 7.19 -30.10 5.12
CA LEU C 111 7.82 -30.03 6.44
C LEU C 111 6.79 -30.13 7.57
N LEU C 112 5.69 -29.42 7.43
CA LEU C 112 4.64 -29.33 8.44
C LEU C 112 3.45 -30.22 8.24
N LYS C 113 3.48 -31.08 7.25
CA LYS C 113 2.35 -31.92 6.99
C LYS C 113 2.09 -32.82 8.17
N ASP C 114 0.83 -33.10 8.46
CA ASP C 114 0.50 -33.98 9.57
C ASP C 114 1.19 -35.33 9.43
N GLY C 115 1.71 -35.81 10.53
CA GLY C 115 2.38 -37.09 10.49
C GLY C 115 3.88 -37.02 10.30
N ASN C 116 4.40 -35.94 9.74
CA ASN C 116 5.83 -35.85 9.55
C ASN C 116 6.52 -35.56 10.89
N PRO C 117 7.79 -35.94 11.03
CA PRO C 117 8.53 -35.72 12.27
C PRO C 117 8.34 -34.40 13.02
N ILE C 118 8.60 -33.28 12.37
CA ILE C 118 8.48 -31.98 13.01
C ILE C 118 7.12 -31.63 13.59
N PRO C 119 6.03 -31.64 12.78
CA PRO C 119 4.76 -31.30 13.42
C PRO C 119 4.34 -32.29 14.50
N SER C 120 4.89 -33.49 14.48
CA SER C 120 4.57 -34.51 15.48
C SER C 120 5.27 -34.26 16.79
N ALA C 121 6.46 -33.68 16.72
CA ALA C 121 7.22 -33.39 17.90
C ALA C 121 6.59 -32.22 18.61
N ILE C 122 6.36 -31.14 17.89
CA ILE C 122 5.78 -29.93 18.44
C ILE C 122 4.46 -30.24 19.13
N ALA C 123 3.60 -30.96 18.43
CA ALA C 123 2.30 -31.30 18.96
C ALA C 123 2.29 -32.21 20.18
N ALA C 124 3.43 -32.81 20.51
CA ALA C 124 3.51 -33.72 21.64
C ALA C 124 4.44 -33.26 22.75
N ASN C 125 4.88 -32.00 22.69
CA ASN C 125 5.80 -31.41 23.67
C ASN C 125 7.03 -32.30 23.83
N SER C 126 7.59 -32.66 22.67
CA SER C 126 8.72 -33.57 22.56
C SER C 126 9.78 -33.02 21.60
N GLY C 127 10.90 -33.73 21.51
CA GLY C 127 11.97 -33.35 20.61
C GLY C 127 12.06 -34.45 19.56
N ILE C 128 13.00 -34.35 18.63
CA ILE C 128 13.13 -35.42 17.64
C ILE C 128 14.12 -36.40 18.22
N TYR C 129 13.72 -37.66 18.21
CA TYR C 129 14.54 -38.73 18.71
C TYR C 129 14.09 -40.00 17.98
N ALA D 1 -10.79 5.77 -10.13
CA ALA D 1 -10.59 4.51 -10.92
C ALA D 1 -10.07 3.37 -9.98
N SER D 2 -8.85 2.94 -10.29
CA SER D 2 -8.06 1.89 -9.62
C SER D 2 -7.22 1.54 -10.82
N ASN D 3 -5.99 2.03 -10.81
CA ASN D 3 -5.13 1.82 -11.93
C ASN D 3 -3.98 0.88 -11.70
N PHE D 4 -3.92 0.21 -10.57
CA PHE D 4 -2.80 -0.68 -10.35
C PHE D 4 -3.16 -2.00 -10.99
N THR D 5 -3.05 -2.06 -12.31
CA THR D 5 -3.37 -3.28 -13.03
C THR D 5 -2.23 -3.67 -13.97
N GLN D 6 -2.36 -4.88 -14.47
CA GLN D 6 -1.42 -5.46 -15.38
C GLN D 6 -1.47 -4.70 -16.71
N PHE D 7 -0.34 -4.59 -17.39
CA PHE D 7 -0.29 -3.92 -18.69
C PHE D 7 0.83 -4.48 -19.54
N VAL D 8 0.81 -4.16 -20.83
CA VAL D 8 1.81 -4.65 -21.76
C VAL D 8 2.94 -3.63 -21.84
N LEU D 9 4.12 -4.03 -21.40
CA LEU D 9 5.29 -3.16 -21.41
C LEU D 9 5.97 -3.16 -22.77
N VAL D 10 6.24 -4.35 -23.30
CA VAL D 10 6.87 -4.48 -24.60
C VAL D 10 5.86 -5.08 -25.56
N ASP D 11 5.43 -4.29 -26.53
CA ASP D 11 4.47 -4.73 -27.53
C ASP D 11 5.20 -5.28 -28.74
N ASN D 12 5.21 -6.59 -28.85
CA ASN D 12 5.85 -7.27 -29.97
C ASN D 12 4.79 -7.76 -30.94
N GLY D 13 3.70 -6.99 -30.99
CA GLY D 13 2.60 -7.28 -31.88
C GLY D 13 1.84 -8.54 -31.56
N GLY D 14 1.11 -8.54 -30.44
CA GLY D 14 0.32 -9.71 -30.05
C GLY D 14 1.06 -11.03 -29.77
N THR D 15 2.22 -11.24 -30.41
CA THR D 15 2.93 -12.48 -30.17
C THR D 15 4.33 -12.29 -29.54
N GLY D 16 4.45 -12.76 -28.29
CA GLY D 16 5.71 -12.59 -27.57
C GLY D 16 5.77 -11.19 -26.96
N ASP D 17 4.60 -10.65 -26.59
CA ASP D 17 4.55 -9.35 -25.94
C ASP D 17 5.02 -9.61 -24.52
N VAL D 18 5.40 -8.56 -23.82
CA VAL D 18 5.83 -8.71 -22.44
C VAL D 18 4.85 -7.97 -21.57
N THR D 19 4.13 -8.74 -20.76
CA THR D 19 3.15 -8.21 -19.84
C THR D 19 3.80 -8.11 -18.49
N VAL D 20 3.50 -7.06 -17.78
CA VAL D 20 4.08 -6.82 -16.48
C VAL D 20 2.86 -6.71 -15.55
N ALA D 21 2.88 -7.39 -14.41
CA ALA D 21 1.75 -7.41 -13.48
C ALA D 21 2.11 -6.96 -12.07
N PRO D 22 1.13 -6.39 -11.32
CA PRO D 22 1.35 -5.92 -9.96
C PRO D 22 2.04 -6.96 -9.11
N SER D 23 3.07 -6.54 -8.39
CA SER D 23 3.82 -7.47 -7.57
C SER D 23 4.15 -6.96 -6.17
N ASN D 24 3.94 -5.70 -5.91
CA ASN D 24 4.24 -5.22 -4.58
C ASN D 24 3.66 -3.85 -4.45
N PHE D 25 3.28 -3.50 -3.22
CA PHE D 25 2.71 -2.18 -2.97
C PHE D 25 3.17 -1.65 -1.63
N ALA D 26 4.25 -2.20 -1.10
CA ALA D 26 4.75 -1.75 0.17
C ALA D 26 5.13 -0.28 0.10
N ASN D 27 4.66 0.52 1.05
CA ASN D 27 4.93 1.97 1.14
C ASN D 27 4.29 2.86 0.10
N GLY D 28 3.20 2.39 -0.47
CA GLY D 28 2.51 3.16 -1.49
C GLY D 28 3.27 3.20 -2.79
N VAL D 29 4.36 2.43 -2.90
CA VAL D 29 5.16 2.37 -4.12
C VAL D 29 4.70 1.17 -4.95
N ALA D 30 3.96 1.43 -6.02
CA ALA D 30 3.44 0.38 -6.86
C ALA D 30 4.56 -0.25 -7.63
N GLU D 31 4.59 -1.57 -7.69
CA GLU D 31 5.61 -2.32 -8.42
C GLU D 31 4.93 -3.32 -9.33
N TRP D 32 5.46 -3.48 -10.53
CA TRP D 32 4.94 -4.42 -11.51
C TRP D 32 6.15 -5.20 -12.00
N ILE D 33 6.07 -6.52 -12.12
CA ILE D 33 7.21 -7.26 -12.67
C ILE D 33 6.74 -8.29 -13.66
N SER D 34 7.63 -8.73 -14.53
CA SER D 34 7.27 -9.74 -15.49
C SER D 34 7.40 -11.10 -14.84
N SER D 35 6.93 -12.12 -15.54
CA SER D 35 6.96 -13.48 -15.05
C SER D 35 8.32 -14.16 -15.24
N ASN D 36 9.30 -13.74 -14.45
CA ASN D 36 10.65 -14.26 -14.57
C ASN D 36 11.23 -14.25 -13.21
N SER D 37 12.49 -14.65 -13.14
CA SER D 37 13.22 -14.64 -11.90
C SER D 37 13.49 -13.16 -11.71
N ARG D 38 13.77 -12.72 -10.50
CA ARG D 38 13.97 -11.31 -10.31
C ARG D 38 15.22 -10.76 -10.92
N SER D 39 16.12 -11.64 -11.34
CA SER D 39 17.36 -11.21 -11.96
C SER D 39 17.14 -10.98 -13.43
N GLN D 40 16.13 -11.63 -13.99
CA GLN D 40 15.84 -11.51 -15.40
C GLN D 40 14.54 -10.83 -15.73
N ALA D 41 13.84 -10.32 -14.72
CA ALA D 41 12.54 -9.67 -14.91
C ALA D 41 12.57 -8.25 -15.40
N TYR D 42 11.45 -7.82 -15.98
CA TYR D 42 11.24 -6.46 -16.43
C TYR D 42 10.57 -5.92 -15.20
N LYS D 43 11.04 -4.81 -14.68
CA LYS D 43 10.47 -4.27 -13.47
C LYS D 43 10.11 -2.81 -13.63
N VAL D 44 8.95 -2.41 -13.14
CA VAL D 44 8.53 -1.02 -13.21
C VAL D 44 8.02 -0.62 -11.83
N THR D 45 8.40 0.55 -11.32
CA THR D 45 7.90 1.05 -10.04
C THR D 45 7.49 2.54 -10.19
N CYS D 46 6.55 3.01 -9.38
CA CYS D 46 6.10 4.39 -9.49
C CYS D 46 5.55 4.91 -8.18
N SER D 47 5.92 6.15 -7.84
CA SER D 47 5.46 6.82 -6.64
C SER D 47 5.38 8.32 -6.86
N VAL D 48 4.50 8.98 -6.12
CA VAL D 48 4.32 10.43 -6.21
C VAL D 48 4.48 10.91 -4.81
N ARG D 49 4.91 12.15 -4.66
CA ARG D 49 5.04 12.74 -3.36
C ARG D 49 5.22 14.21 -3.68
N GLN D 50 4.98 15.06 -2.70
CA GLN D 50 5.15 16.49 -2.87
C GLN D 50 6.60 16.84 -2.56
N SER D 51 7.43 17.01 -3.57
CA SER D 51 8.85 17.28 -3.35
C SER D 51 9.15 18.57 -2.61
N SER D 52 8.26 19.53 -2.71
CA SER D 52 8.44 20.80 -2.06
C SER D 52 7.09 21.45 -1.98
N ALA D 53 7.06 22.63 -1.41
CA ALA D 53 5.82 23.35 -1.25
C ALA D 53 5.15 23.66 -2.58
N GLN D 54 5.97 23.79 -3.62
CA GLN D 54 5.47 24.15 -4.91
C GLN D 54 5.34 23.03 -5.94
N ASN D 55 5.95 21.89 -5.67
CA ASN D 55 5.92 20.79 -6.61
C ASN D 55 5.52 19.42 -6.08
N ARG D 56 5.06 18.59 -7.00
CA ARG D 56 4.72 17.20 -6.75
C ARG D 56 5.72 16.50 -7.68
N LYS D 57 6.24 15.34 -7.32
CA LYS D 57 7.21 14.68 -8.15
C LYS D 57 6.90 13.19 -8.29
N TYR D 58 6.91 12.68 -9.51
CA TYR D 58 6.68 11.26 -9.76
C TYR D 58 8.03 10.64 -9.96
N THR D 59 8.30 9.49 -9.35
CA THR D 59 9.56 8.82 -9.55
C THR D 59 9.24 7.47 -10.17
N ILE D 60 9.60 7.30 -11.44
CA ILE D 60 9.33 6.08 -12.19
C ILE D 60 10.63 5.39 -12.48
N LYS D 61 10.72 4.11 -12.21
CA LYS D 61 11.95 3.38 -12.47
C LYS D 61 11.64 2.14 -13.23
N VAL D 62 12.47 1.84 -14.22
CA VAL D 62 12.28 0.65 -15.05
C VAL D 62 13.59 -0.12 -15.17
N GLU D 63 13.54 -1.45 -15.15
CA GLU D 63 14.72 -2.29 -15.33
C GLU D 63 14.39 -3.20 -16.49
N VAL D 64 15.27 -3.27 -17.48
CA VAL D 64 15.06 -4.08 -18.66
C VAL D 64 16.23 -5.05 -18.76
N PRO D 65 15.97 -6.35 -18.96
CA PRO D 65 17.02 -7.36 -19.06
C PRO D 65 17.75 -7.40 -20.40
N LYS D 66 19.03 -7.78 -20.41
CA LYS D 66 19.77 -7.92 -21.66
C LYS D 66 19.35 -9.31 -22.09
N VAL D 67 18.63 -9.37 -23.19
CA VAL D 67 18.10 -10.61 -23.66
C VAL D 67 19.00 -11.42 -24.60
N ALA D 68 19.78 -10.77 -25.45
CA ALA D 68 20.68 -11.47 -26.36
C ALA D 68 21.71 -12.29 -25.61
N THR D 69 21.68 -13.59 -25.85
CA THR D 69 22.54 -14.63 -25.26
C THR D 69 22.16 -15.03 -23.83
N GLN D 70 21.00 -14.54 -23.40
CA GLN D 70 20.47 -14.81 -22.08
C GLN D 70 20.18 -16.30 -21.91
N THR D 71 20.42 -16.85 -20.72
CA THR D 71 20.09 -18.24 -20.42
C THR D 71 18.89 -18.14 -19.47
N VAL D 72 17.72 -18.50 -19.97
CA VAL D 72 16.52 -18.37 -19.18
C VAL D 72 16.58 -19.17 -17.91
N GLY D 73 16.53 -18.46 -16.78
CA GLY D 73 16.55 -19.08 -15.49
C GLY D 73 17.94 -19.31 -14.95
N GLY D 74 18.95 -18.99 -15.73
CA GLY D 74 20.31 -19.21 -15.28
C GLY D 74 20.85 -18.14 -14.37
N VAL D 75 22.03 -18.38 -13.83
CA VAL D 75 22.70 -17.42 -12.96
C VAL D 75 23.68 -16.63 -13.83
N GLU D 76 23.35 -15.38 -14.10
CA GLU D 76 24.19 -14.53 -14.96
C GLU D 76 24.87 -13.42 -14.20
N LEU D 77 26.19 -13.48 -14.13
CA LEU D 77 26.99 -12.49 -13.42
C LEU D 77 28.02 -11.91 -14.39
N PRO D 78 28.38 -10.64 -14.21
CA PRO D 78 27.91 -9.70 -13.22
C PRO D 78 26.57 -9.09 -13.56
N VAL D 79 25.79 -8.82 -12.54
CA VAL D 79 24.47 -8.26 -12.71
C VAL D 79 24.42 -7.02 -13.59
N ALA D 80 25.44 -6.19 -13.50
CA ALA D 80 25.50 -4.94 -14.26
C ALA D 80 25.76 -5.09 -15.72
N ALA D 81 26.06 -6.31 -16.14
CA ALA D 81 26.34 -6.58 -17.54
C ALA D 81 25.08 -7.06 -18.19
N TRP D 82 24.11 -7.44 -17.38
CA TRP D 82 22.89 -7.97 -17.91
C TRP D 82 21.65 -7.17 -17.69
N ARG D 83 21.76 -5.91 -17.27
CA ARG D 83 20.59 -5.08 -17.01
C ARG D 83 20.73 -3.60 -17.33
N SER D 84 19.65 -2.99 -17.82
CA SER D 84 19.62 -1.57 -18.12
C SER D 84 18.69 -0.96 -17.11
N TYR D 85 19.04 0.22 -16.65
CA TYR D 85 18.26 0.88 -15.65
C TYR D 85 17.79 2.22 -16.12
N LEU D 86 16.48 2.43 -16.09
CA LEU D 86 15.87 3.68 -16.48
C LEU D 86 15.38 4.32 -15.19
N ASN D 87 15.55 5.63 -15.12
CA ASN D 87 15.15 6.37 -13.95
C ASN D 87 14.55 7.72 -14.36
N MET D 88 13.25 7.88 -14.20
CA MET D 88 12.58 9.12 -14.58
C MET D 88 12.07 9.84 -13.35
N GLU D 89 12.15 11.16 -13.37
CA GLU D 89 11.64 11.98 -12.30
C GLU D 89 10.84 13.08 -12.96
N LEU D 90 9.55 13.11 -12.71
CA LEU D 90 8.71 14.12 -13.31
C LEU D 90 8.22 15.08 -12.26
N THR D 91 8.68 16.31 -12.35
CA THR D 91 8.32 17.39 -11.42
C THR D 91 7.22 18.25 -12.03
N ILE D 92 6.10 18.37 -11.33
CA ILE D 92 4.94 19.12 -11.81
C ILE D 92 4.45 20.10 -10.74
N PRO D 93 4.42 21.42 -11.01
CA PRO D 93 3.97 22.46 -10.07
C PRO D 93 2.56 22.23 -9.61
N ILE D 94 2.27 22.56 -8.37
CA ILE D 94 0.93 22.36 -7.86
C ILE D 94 -0.19 23.07 -8.62
N PHE D 95 0.15 23.94 -9.57
CA PHE D 95 -0.89 24.66 -10.31
C PHE D 95 -1.36 23.93 -11.55
N ALA D 96 -0.66 22.87 -11.92
CA ALA D 96 -1.00 22.13 -13.12
C ALA D 96 -2.32 21.44 -12.99
N THR D 97 -3.22 21.73 -13.90
CA THR D 97 -4.53 21.12 -13.91
C THR D 97 -4.42 19.77 -14.57
N ASN D 98 -5.54 19.07 -14.68
CA ASN D 98 -5.54 17.78 -15.32
C ASN D 98 -5.15 17.99 -16.77
N SER D 99 -5.69 19.04 -17.36
CA SER D 99 -5.37 19.39 -18.73
C SER D 99 -3.89 19.65 -18.91
N ASP D 100 -3.28 20.37 -17.96
CA ASP D 100 -1.87 20.66 -18.04
C ASP D 100 -1.12 19.34 -17.99
N CYS D 101 -1.56 18.44 -17.11
CA CYS D 101 -0.92 17.14 -16.97
C CYS D 101 -1.06 16.22 -18.17
N GLU D 102 -2.13 16.35 -18.93
CA GLU D 102 -2.30 15.51 -20.11
C GLU D 102 -1.33 15.89 -21.19
N LEU D 103 -1.04 17.17 -21.25
CA LEU D 103 -0.13 17.73 -22.22
C LEU D 103 1.29 17.31 -21.91
N ILE D 104 1.57 17.18 -20.62
CA ILE D 104 2.89 16.78 -20.12
C ILE D 104 3.11 15.32 -20.51
N VAL D 105 2.02 14.55 -20.47
CA VAL D 105 2.08 13.15 -20.86
C VAL D 105 2.28 13.07 -22.37
N LYS D 106 1.63 13.96 -23.10
CA LYS D 106 1.79 13.98 -24.55
C LYS D 106 3.20 14.33 -24.91
N ALA D 107 3.80 15.26 -24.19
CA ALA D 107 5.18 15.64 -24.45
C ALA D 107 6.10 14.44 -24.24
N MET D 108 5.77 13.59 -23.26
CA MET D 108 6.59 12.44 -23.00
C MET D 108 6.37 11.36 -24.05
N GLN D 109 5.14 11.23 -24.53
CA GLN D 109 4.86 10.23 -25.54
C GLN D 109 5.54 10.62 -26.83
N GLY D 110 5.57 11.92 -27.09
CA GLY D 110 6.19 12.44 -28.30
C GLY D 110 7.68 12.24 -28.34
N LEU D 111 8.35 12.55 -27.25
CA LEU D 111 9.78 12.40 -27.16
C LEU D 111 10.24 10.98 -27.52
N LEU D 112 9.46 9.99 -27.10
CA LEU D 112 9.83 8.59 -27.32
C LEU D 112 9.17 7.94 -28.47
N LYS D 113 8.36 8.67 -29.19
CA LYS D 113 7.71 8.07 -30.31
C LYS D 113 8.71 7.56 -31.33
N ASP D 114 8.35 6.46 -31.96
CA ASP D 114 9.17 5.82 -32.97
C ASP D 114 9.54 6.74 -34.11
N GLY D 115 10.81 6.73 -34.44
CA GLY D 115 11.27 7.59 -35.51
C GLY D 115 11.83 8.94 -35.10
N ASN D 116 11.65 9.37 -33.84
CA ASN D 116 12.18 10.66 -33.41
C ASN D 116 13.65 10.51 -33.02
N PRO D 117 14.42 11.62 -32.99
CA PRO D 117 15.85 11.53 -32.64
C PRO D 117 16.25 10.65 -31.46
N ILE D 118 15.68 10.91 -30.29
CA ILE D 118 16.04 10.19 -29.06
C ILE D 118 15.83 8.66 -29.11
N PRO D 119 14.63 8.17 -29.43
CA PRO D 119 14.54 6.72 -29.47
C PRO D 119 15.43 6.07 -30.52
N SER D 120 15.65 6.76 -31.62
CA SER D 120 16.49 6.24 -32.70
C SER D 120 17.95 6.15 -32.32
N ALA D 121 18.42 7.09 -31.51
CA ALA D 121 19.80 7.07 -31.08
C ALA D 121 20.00 5.93 -30.10
N ILE D 122 19.12 5.82 -29.12
CA ILE D 122 19.20 4.78 -28.12
C ILE D 122 19.20 3.39 -28.77
N ALA D 123 18.23 3.18 -29.63
CA ALA D 123 18.06 1.92 -30.31
C ALA D 123 19.21 1.55 -31.22
N ALA D 124 20.03 2.51 -31.61
CA ALA D 124 21.15 2.21 -32.49
C ALA D 124 22.49 2.35 -31.79
N ASN D 125 22.49 2.27 -30.47
CA ASN D 125 23.72 2.39 -29.71
C ASN D 125 24.46 3.66 -30.07
N SER D 126 23.73 4.73 -30.36
CA SER D 126 24.31 6.00 -30.77
C SER D 126 24.04 7.19 -29.90
N GLY D 127 24.69 8.27 -30.26
CA GLY D 127 24.51 9.54 -29.61
C GLY D 127 23.83 10.38 -30.68
N ILE D 128 23.98 11.69 -30.60
CA ILE D 128 23.39 12.61 -31.57
C ILE D 128 24.51 13.11 -32.50
N TYR D 129 24.25 13.11 -33.80
CA TYR D 129 25.24 13.55 -34.78
C TYR D 129 24.52 14.18 -35.95
N ALA E 1 -7.45 -7.27 -1.38
CA ALA E 1 -8.39 -6.42 -0.57
C ALA E 1 -7.65 -5.12 -0.12
N SER E 2 -8.37 -3.97 -0.17
CA SER E 2 -7.83 -2.67 0.25
C SER E 2 -8.91 -1.69 0.66
N ASN E 3 -8.58 -0.81 1.59
CA ASN E 3 -9.51 0.22 1.98
C ASN E 3 -8.83 1.55 1.65
N PHE E 4 -7.76 1.45 0.87
CA PHE E 4 -7.01 2.61 0.42
C PHE E 4 -7.49 2.88 -1.00
N THR E 5 -8.76 3.26 -1.13
CA THR E 5 -9.38 3.54 -2.42
C THR E 5 -10.02 4.91 -2.45
N GLN E 6 -10.58 5.29 -3.59
CA GLN E 6 -11.22 6.58 -3.64
C GLN E 6 -12.61 6.53 -3.02
N PHE E 7 -13.08 7.68 -2.58
CA PHE E 7 -14.39 7.77 -1.97
C PHE E 7 -14.91 9.18 -2.11
N VAL E 8 -16.22 9.33 -1.96
CA VAL E 8 -16.87 10.63 -2.05
C VAL E 8 -16.78 11.31 -0.71
N LEU E 9 -15.97 12.37 -0.65
CA LEU E 9 -15.80 13.13 0.56
C LEU E 9 -17.02 14.03 0.71
N VAL E 10 -17.39 14.70 -0.36
CA VAL E 10 -18.55 15.59 -0.34
C VAL E 10 -19.58 15.07 -1.31
N ASP E 11 -20.76 14.72 -0.80
CA ASP E 11 -21.85 14.21 -1.63
C ASP E 11 -22.80 15.36 -2.00
N ASN E 12 -22.68 15.88 -3.21
CA ASN E 12 -23.53 16.98 -3.65
C ASN E 12 -24.49 16.36 -4.63
N GLY E 13 -25.41 15.61 -4.06
CA GLY E 13 -26.37 14.91 -4.89
C GLY E 13 -25.46 13.92 -5.60
N GLY E 14 -25.65 13.73 -6.90
CA GLY E 14 -24.78 12.80 -7.61
C GLY E 14 -23.83 13.59 -8.50
N THR E 15 -23.95 14.92 -8.46
CA THR E 15 -23.14 15.76 -9.34
C THR E 15 -22.62 17.04 -8.67
N GLY E 16 -21.30 17.11 -8.68
CA GLY E 16 -20.61 18.20 -8.02
C GLY E 16 -20.10 17.55 -6.75
N ASP E 17 -20.05 16.21 -6.77
CA ASP E 17 -19.56 15.38 -5.66
C ASP E 17 -18.07 15.55 -5.66
N VAL E 18 -17.47 15.55 -4.47
CA VAL E 18 -16.05 15.64 -4.39
C VAL E 18 -15.51 14.26 -4.07
N THR E 19 -14.73 13.73 -4.98
CA THR E 19 -14.11 12.43 -4.82
C THR E 19 -12.64 12.65 -4.54
N VAL E 20 -12.19 11.96 -3.52
CA VAL E 20 -10.83 12.04 -3.08
C VAL E 20 -10.24 10.66 -3.45
N ALA E 21 -9.09 10.65 -4.12
CA ALA E 21 -8.44 9.41 -4.55
C ALA E 21 -7.08 9.23 -3.92
N PRO E 22 -6.68 7.99 -3.64
CA PRO E 22 -5.39 7.69 -3.02
C PRO E 22 -4.23 8.38 -3.72
N SER E 23 -3.28 8.89 -2.96
CA SER E 23 -2.12 9.52 -3.56
C SER E 23 -0.76 9.10 -3.01
N ASN E 24 -0.68 8.72 -1.74
CA ASN E 24 0.61 8.38 -1.20
C ASN E 24 0.45 7.69 0.15
N PHE E 25 1.24 6.65 0.44
CA PHE E 25 1.13 5.93 1.71
C PHE E 25 2.51 5.82 2.32
N ALA E 26 3.16 6.96 2.43
CA ALA E 26 4.49 7.01 2.96
C ALA E 26 4.54 7.10 4.48
N ASN E 27 5.35 6.27 5.12
CA ASN E 27 5.48 6.29 6.57
C ASN E 27 4.21 6.10 7.37
N GLY E 28 3.41 5.14 6.95
CA GLY E 28 2.18 4.88 7.67
C GLY E 28 1.21 6.02 7.69
N VAL E 29 1.33 6.95 6.76
CA VAL E 29 0.40 8.06 6.68
C VAL E 29 -0.27 7.97 5.31
N ALA E 30 -1.53 7.58 5.30
CA ALA E 30 -2.31 7.45 4.07
C ALA E 30 -2.82 8.83 3.69
N GLU E 31 -2.72 9.17 2.42
CA GLU E 31 -3.14 10.46 1.94
C GLU E 31 -4.03 10.30 0.73
N TRP E 32 -5.09 11.08 0.66
CA TRP E 32 -6.03 11.06 -0.46
C TRP E 32 -6.13 12.51 -0.88
N ILE E 33 -6.16 12.79 -2.17
CA ILE E 33 -6.27 14.16 -2.71
C ILE E 33 -7.33 14.16 -3.81
N SER E 34 -8.09 15.24 -3.97
CA SER E 34 -9.08 15.26 -5.03
C SER E 34 -8.34 15.64 -6.32
N SER E 35 -8.98 15.47 -7.48
CA SER E 35 -8.32 15.79 -8.74
C SER E 35 -8.12 17.28 -9.09
N ASN E 36 -7.45 17.51 -10.23
CA ASN E 36 -7.06 18.83 -10.74
C ASN E 36 -5.95 19.45 -9.89
N SER E 37 -5.64 20.72 -10.11
CA SER E 37 -4.57 21.39 -9.41
C SER E 37 -4.46 21.01 -7.95
N ARG E 38 -3.27 20.55 -7.57
CA ARG E 38 -2.99 20.16 -6.21
C ARG E 38 -3.25 21.37 -5.30
N SER E 39 -3.12 22.57 -5.86
CA SER E 39 -3.33 23.80 -5.12
C SER E 39 -4.77 24.04 -4.65
N GLN E 40 -5.75 23.52 -5.39
CA GLN E 40 -7.16 23.69 -5.02
C GLN E 40 -7.82 22.41 -4.55
N ALA E 41 -7.02 21.37 -4.36
CA ALA E 41 -7.50 20.06 -3.96
C ALA E 41 -7.82 19.88 -2.50
N TYR E 42 -8.70 18.91 -2.25
CA TYR E 42 -9.10 18.50 -0.92
C TYR E 42 -8.05 17.48 -0.54
N LYS E 43 -7.84 17.32 0.75
CA LYS E 43 -6.84 16.40 1.25
C LYS E 43 -7.29 15.73 2.54
N VAL E 44 -7.11 14.42 2.63
CA VAL E 44 -7.48 13.65 3.80
C VAL E 44 -6.28 12.78 4.11
N THR E 45 -5.85 12.72 5.36
CA THR E 45 -4.75 11.85 5.71
C THR E 45 -5.21 11.08 6.93
N CYS E 46 -4.68 9.89 7.10
CA CYS E 46 -5.04 9.04 8.22
C CYS E 46 -3.86 8.16 8.56
N SER E 47 -3.63 7.94 9.85
CA SER E 47 -2.56 7.06 10.29
C SER E 47 -2.99 6.53 11.64
N VAL E 48 -2.50 5.37 12.01
CA VAL E 48 -2.82 4.73 13.29
C VAL E 48 -1.52 4.34 13.90
N ARG E 49 -1.40 4.49 15.19
CA ARG E 49 -0.19 4.11 15.89
C ARG E 49 -0.60 3.69 17.28
N GLN E 50 0.28 2.97 17.96
CA GLN E 50 0.00 2.50 19.31
C GLN E 50 0.55 3.63 20.17
N SER E 51 -0.31 4.54 20.62
CA SER E 51 0.12 5.69 21.40
C SER E 51 0.69 5.34 22.76
N SER E 52 0.29 4.19 23.28
CA SER E 52 0.77 3.75 24.58
C SER E 52 0.51 2.25 24.71
N ALA E 53 0.84 1.73 25.88
CA ALA E 53 0.67 0.31 26.13
C ALA E 53 -0.75 -0.24 25.90
N GLN E 54 -1.75 0.54 26.29
CA GLN E 54 -3.12 0.07 26.16
C GLN E 54 -3.87 0.73 25.06
N ASN E 55 -3.29 1.74 24.43
CA ASN E 55 -4.00 2.46 23.38
C ASN E 55 -3.42 2.49 22.01
N ARG E 56 -4.33 2.65 21.09
CA ARG E 56 -3.98 2.81 19.70
C ARG E 56 -4.59 4.17 19.42
N LYS E 57 -4.03 4.93 18.51
CA LYS E 57 -4.53 6.27 18.29
C LYS E 57 -4.59 6.63 16.83
N TYR E 58 -5.78 6.94 16.35
CA TYR E 58 -5.96 7.34 14.96
C TYR E 58 -5.81 8.86 14.85
N THR E 59 -5.21 9.33 13.77
CA THR E 59 -5.05 10.75 13.51
C THR E 59 -5.56 11.01 12.11
N ILE E 60 -6.71 11.66 12.03
CA ILE E 60 -7.33 11.96 10.76
C ILE E 60 -7.24 13.47 10.55
N LYS E 61 -7.03 13.91 9.32
CA LYS E 61 -6.96 15.32 8.99
C LYS E 61 -7.64 15.55 7.66
N VAL E 62 -8.39 16.64 7.54
CA VAL E 62 -9.10 16.97 6.33
C VAL E 62 -8.91 18.47 6.05
N GLU E 63 -8.74 18.84 4.78
CA GLU E 63 -8.61 20.23 4.37
C GLU E 63 -9.62 20.45 3.29
N VAL E 64 -10.44 21.49 3.44
CA VAL E 64 -11.48 21.88 2.49
C VAL E 64 -10.99 23.23 2.01
N PRO E 65 -10.76 23.39 0.69
CA PRO E 65 -10.30 24.68 0.17
C PRO E 65 -11.39 25.61 -0.31
N LYS E 66 -11.02 26.87 -0.43
CA LYS E 66 -11.93 27.85 -0.96
C LYS E 66 -11.29 28.18 -2.31
N VAL E 67 -11.77 27.51 -3.34
CA VAL E 67 -11.28 27.67 -4.70
C VAL E 67 -11.35 29.10 -5.24
N ALA E 68 -10.21 29.63 -5.68
CA ALA E 68 -10.16 30.99 -6.19
C ALA E 68 -9.02 31.09 -7.20
N THR E 69 -9.01 32.18 -7.94
CA THR E 69 -7.97 32.45 -8.94
C THR E 69 -7.14 33.61 -8.46
N GLN E 70 -5.84 33.46 -8.47
CA GLN E 70 -4.98 34.54 -8.01
C GLN E 70 -4.35 35.25 -9.19
N THR E 71 -4.57 36.55 -9.31
CA THR E 71 -3.97 37.28 -10.40
C THR E 71 -2.93 38.21 -9.83
N VAL E 72 -1.71 38.00 -10.29
CA VAL E 72 -0.60 38.83 -9.85
C VAL E 72 0.23 39.24 -11.07
N GLY E 73 0.20 40.56 -11.33
CA GLY E 73 0.94 41.11 -12.44
C GLY E 73 0.44 40.54 -13.75
N GLY E 74 -0.83 40.20 -13.82
CA GLY E 74 -1.35 39.68 -15.07
C GLY E 74 -1.21 38.18 -15.26
N VAL E 75 -0.50 37.52 -14.35
CA VAL E 75 -0.35 36.07 -14.46
C VAL E 75 -1.32 35.49 -13.47
N GLU E 76 -2.28 34.72 -13.95
CA GLU E 76 -3.22 34.12 -13.02
C GLU E 76 -2.98 32.62 -12.78
N LEU E 77 -3.04 32.27 -11.50
CA LEU E 77 -2.83 30.92 -11.04
C LEU E 77 -4.03 30.43 -10.29
N PRO E 78 -4.28 29.13 -10.35
CA PRO E 78 -5.38 28.46 -9.66
C PRO E 78 -4.91 28.30 -8.23
N VAL E 79 -5.57 28.96 -7.29
CA VAL E 79 -5.18 28.85 -5.89
C VAL E 79 -6.39 28.54 -5.03
N ALA E 80 -6.15 28.42 -3.74
CA ALA E 80 -7.21 28.23 -2.77
C ALA E 80 -7.13 29.53 -1.96
N ALA E 81 -8.18 30.34 -2.01
CA ALA E 81 -8.23 31.60 -1.28
C ALA E 81 -7.89 31.39 0.20
N TRP E 82 -8.29 30.24 0.75
CA TRP E 82 -8.04 29.83 2.14
C TRP E 82 -8.45 28.36 2.36
N ARG E 83 -8.25 27.84 3.56
CA ARG E 83 -8.60 26.46 3.89
C ARG E 83 -9.07 26.26 5.32
N SER E 84 -10.01 25.33 5.51
CA SER E 84 -10.47 24.93 6.85
C SER E 84 -9.65 23.69 7.13
N TYR E 85 -9.15 23.54 8.35
CA TYR E 85 -8.38 22.36 8.70
C TYR E 85 -9.14 21.60 9.80
N LEU E 86 -9.42 20.33 9.58
CA LEU E 86 -10.07 19.49 10.59
C LEU E 86 -8.98 18.56 11.11
N ASN E 87 -8.82 18.46 12.42
CA ASN E 87 -7.84 17.55 13.01
C ASN E 87 -8.49 16.73 14.08
N MET E 88 -8.68 15.45 13.83
CA MET E 88 -9.27 14.63 14.85
C MET E 88 -8.37 13.47 15.27
N GLU E 89 -8.33 13.21 16.57
CA GLU E 89 -7.53 12.13 17.15
C GLU E 89 -8.45 11.22 17.94
N LEU E 90 -8.56 9.95 17.53
CA LEU E 90 -9.41 9.00 18.20
C LEU E 90 -8.57 7.97 18.94
N THR E 91 -8.72 7.91 20.26
CA THR E 91 -7.97 6.97 21.09
C THR E 91 -8.85 5.78 21.44
N ILE E 92 -8.36 4.56 21.20
CA ILE E 92 -9.13 3.36 21.49
C ILE E 92 -8.30 2.28 22.20
N PRO E 93 -8.69 1.92 23.44
CA PRO E 93 -7.98 0.89 24.22
C PRO E 93 -7.94 -0.41 23.44
N ILE E 94 -6.92 -1.20 23.68
CA ILE E 94 -6.77 -2.45 22.99
C ILE E 94 -7.75 -3.53 23.47
N PHE E 95 -8.62 -3.19 24.41
CA PHE E 95 -9.59 -4.16 24.90
C PHE E 95 -10.87 -4.11 24.09
N ALA E 96 -10.97 -3.14 23.19
CA ALA E 96 -12.15 -2.96 22.39
C ALA E 96 -12.29 -4.06 21.36
N THR E 97 -13.43 -4.72 21.37
CA THR E 97 -13.72 -5.78 20.42
C THR E 97 -14.20 -5.09 19.16
N ASN E 98 -14.63 -5.82 18.14
CA ASN E 98 -15.09 -5.12 16.94
C ASN E 98 -16.40 -4.45 17.21
N SER E 99 -17.17 -5.03 18.12
CA SER E 99 -18.48 -4.47 18.46
C SER E 99 -18.31 -3.10 19.08
N ASP E 100 -17.32 -2.99 19.95
CA ASP E 100 -17.07 -1.74 20.63
C ASP E 100 -16.68 -0.68 19.62
N CYS E 101 -15.86 -1.04 18.64
CA CYS E 101 -15.43 -0.09 17.64
C CYS E 101 -16.56 0.38 16.74
N GLU E 102 -17.53 -0.49 16.49
CA GLU E 102 -18.64 -0.11 15.66
C GLU E 102 -19.49 0.92 16.39
N LEU E 103 -19.49 0.83 17.71
CA LEU E 103 -20.23 1.75 18.53
C LEU E 103 -19.53 3.10 18.55
N ILE E 104 -18.20 3.08 18.61
CA ILE E 104 -17.41 4.31 18.59
C ILE E 104 -17.69 5.01 17.26
N VAL E 105 -17.87 4.21 16.21
CA VAL E 105 -18.15 4.77 14.90
C VAL E 105 -19.56 5.35 14.81
N LYS E 106 -20.54 4.71 15.40
CA LYS E 106 -21.88 5.27 15.33
C LYS E 106 -21.97 6.54 16.14
N ALA E 107 -21.15 6.66 17.18
CA ALA E 107 -21.17 7.85 18.00
C ALA E 107 -20.61 9.02 17.21
N MET E 108 -19.63 8.76 16.36
CA MET E 108 -19.05 9.83 15.55
C MET E 108 -19.97 10.26 14.45
N GLN E 109 -20.69 9.31 13.87
CA GLN E 109 -21.64 9.61 12.81
C GLN E 109 -22.82 10.39 13.36
N GLY E 110 -23.25 10.05 14.58
CA GLY E 110 -24.37 10.73 15.21
C GLY E 110 -24.06 12.17 15.62
N LEU E 111 -22.86 12.41 16.09
CA LEU E 111 -22.45 13.74 16.49
C LEU E 111 -22.65 14.71 15.33
N LEU E 112 -22.31 14.27 14.13
CA LEU E 112 -22.39 15.10 12.94
C LEU E 112 -23.60 14.92 12.08
N LYS E 113 -24.55 14.12 12.51
CA LYS E 113 -25.73 13.94 11.70
C LYS E 113 -26.45 15.26 11.52
N ASP E 114 -27.11 15.42 10.38
CA ASP E 114 -27.84 16.65 10.12
C ASP E 114 -28.89 16.95 11.15
N GLY E 115 -28.91 18.20 11.59
CA GLY E 115 -29.90 18.61 12.56
C GLY E 115 -29.49 18.53 14.01
N ASN E 116 -28.41 17.81 14.31
CA ASN E 116 -27.97 17.72 15.66
C ASN E 116 -27.25 18.98 15.99
N PRO E 117 -27.14 19.34 17.28
CA PRO E 117 -26.47 20.57 17.69
C PRO E 117 -25.17 20.97 16.99
N ILE E 118 -24.15 20.11 17.00
CA ILE E 118 -22.86 20.42 16.41
C ILE E 118 -22.82 20.73 14.91
N PRO E 119 -23.29 19.83 14.04
CA PRO E 119 -23.23 20.19 12.62
C PRO E 119 -24.07 21.42 12.28
N SER E 120 -25.07 21.70 13.09
CA SER E 120 -25.92 22.87 12.89
C SER E 120 -25.25 24.17 13.29
N ALA E 121 -24.43 24.12 14.34
CA ALA E 121 -23.73 25.31 14.80
C ALA E 121 -22.70 25.68 13.74
N ILE E 122 -21.95 24.69 13.28
CA ILE E 122 -20.92 24.91 12.27
C ILE E 122 -21.49 25.45 10.95
N ALA E 123 -22.51 24.80 10.44
CA ALA E 123 -23.12 25.19 9.19
C ALA E 123 -23.70 26.60 9.19
N ALA E 124 -23.84 27.19 10.38
CA ALA E 124 -24.44 28.52 10.49
C ALA E 124 -23.52 29.57 11.05
N ASN E 125 -22.22 29.30 11.05
CA ASN E 125 -21.23 30.24 11.57
C ASN E 125 -21.56 30.55 13.02
N SER E 126 -22.11 29.59 13.75
CA SER E 126 -22.52 29.80 15.13
C SER E 126 -21.85 28.92 16.16
N GLY E 127 -22.20 29.16 17.40
CA GLY E 127 -21.70 28.40 18.52
C GLY E 127 -22.94 27.80 19.15
N ILE E 128 -22.83 27.41 20.40
CA ILE E 128 -23.96 26.83 21.10
C ILE E 128 -24.68 27.97 21.84
N TYR E 129 -26.00 27.90 21.90
CA TYR E 129 -26.78 28.91 22.56
C TYR E 129 -28.11 28.29 22.95
#